data_9HO3
#
_entry.id   9HO3
#
_cell.length_a   49.830
_cell.length_b   86.490
_cell.length_c   123.230
_cell.angle_alpha   90.00
_cell.angle_beta   90.00
_cell.angle_gamma   90.00
#
_symmetry.space_group_name_H-M   'P 21 21 21'
#
loop_
_entity.id
_entity.type
_entity.pdbx_description
1 polymer 'Aspartyl/asparaginyl beta-hydroxylase'
2 polymer 'Coagulation factor X'
3 non-polymer 'SODIUM ION'
4 non-polymer 'POTASSIUM ION'
5 non-polymer 'FE (III) ION'
6 non-polymer '2-OXOGLUTARIC ACID'
7 non-polymer 'NITRIC OXIDE'
8 water water
#
loop_
_entity_poly.entity_id
_entity_poly.type
_entity_poly.pdbx_seq_one_letter_code
_entity_poly.pdbx_strand_id
1 'polypeptide(L)'
;KPKLLNKFDKTIKAELDAAEKLRKRGKIEEAVNAFKELVRKYPQSPRARYGKAQCEDDLAEKRRSNEVLRGAIETYQEVA
SLPDVPADLLKLSLKRRSDRQQFLGHMRGSLLTLQRLVQLFPNDTSLKNDLGVGYLLIGDNDNAKKVYEEVLSVTPNDGF
AKVHYGFILKAQNKIAESIPYLKEGIESGDPGTDDGRFYFHLGDAMQRVGNKEAYKWYELGHKRGHFASVWQRSLYNVNG
LKAQPWWTPKETGYTELVKSLERNWKLIRDEGLAVMDKAKGLFLPEDENLREKGDWSQFTLWQQGRRNENACKGAPKTCT
LLEKFPETTGCRRGQIKYSIMHPGTHVWPHTGPTNCRLRMHLGLVIPKEGCKIRCANETKTWEEGKVLIFDDSFEHEVWQ
DASSFRLIFIVDVWHPELTPQQRRSLPAI
;
A
2 'polypeptide(L)' DGDQSETSPSQNQGKCKDGLGEYTCTSLEGFEGKNSELF B
#
loop_
_chem_comp.id
_chem_comp.type
_chem_comp.name
_chem_comp.formula
AKG non-polymer '2-OXOGLUTARIC ACID' 'C5 H6 O5'
FE non-polymer 'FE (III) ION' 'Fe 3'
K non-polymer 'POTASSIUM ION' 'K 1'
NA non-polymer 'SODIUM ION' 'Na 1'
NO non-polymer 'NITRIC OXIDE' 'N O'
#
# COMPACT_ATOMS: atom_id res chain seq x y z
N LYS A 1 -8.11 1.74 34.71
CA LYS A 1 -6.67 1.89 34.87
C LYS A 1 -6.14 3.30 34.51
N PRO A 2 -6.59 3.88 33.39
CA PRO A 2 -6.14 5.25 33.07
C PRO A 2 -6.85 6.30 33.93
N LYS A 3 -6.07 7.26 34.40
CA LYS A 3 -6.59 8.38 35.18
C LYS A 3 -7.03 9.47 34.21
N LEU A 4 -8.34 9.74 34.14
CA LEU A 4 -8.87 10.68 33.18
C LEU A 4 -9.59 11.87 33.80
N LEU A 5 -9.71 11.93 35.13
CA LEU A 5 -10.51 12.94 35.80
C LEU A 5 -9.60 13.87 36.59
N ASN A 6 -9.61 15.16 36.25
CA ASN A 6 -8.93 16.17 37.05
C ASN A 6 -9.73 16.43 38.32
N LYS A 7 -9.31 17.42 39.12
CA LYS A 7 -9.95 17.65 40.40
C LYS A 7 -11.44 17.97 40.23
N PHE A 8 -11.78 18.82 39.27
CA PHE A 8 -13.18 19.20 39.09
C PHE A 8 -14.00 18.03 38.54
N ASP A 9 -13.46 17.31 37.54
CA ASP A 9 -14.20 16.22 36.94
C ASP A 9 -14.57 15.16 37.97
N LYS A 10 -13.74 14.97 38.99
CA LYS A 10 -14.09 14.04 40.05
C LYS A 10 -15.33 14.49 40.82
N THR A 11 -15.58 15.79 40.88
CA THR A 11 -16.77 16.29 41.57
C THR A 11 -18.04 16.13 40.76
N ILE A 12 -17.94 15.78 39.47
CA ILE A 12 -19.09 15.51 38.63
C ILE A 12 -18.97 14.12 38.03
N LYS A 13 -18.34 13.20 38.78
CA LYS A 13 -18.05 11.88 38.24
C LYS A 13 -19.32 11.11 37.92
N ALA A 14 -20.36 11.25 38.75
CA ALA A 14 -21.60 10.53 38.49
C ALA A 14 -22.28 11.02 37.24
N GLU A 15 -22.29 12.34 37.02
CA GLU A 15 -22.81 12.87 35.76
C GLU A 15 -22.02 12.37 34.56
N LEU A 16 -20.68 12.34 34.70
CA LEU A 16 -19.84 11.88 33.61
C LEU A 16 -20.08 10.40 33.30
N ASP A 17 -20.09 9.57 34.35
CA ASP A 17 -20.26 8.13 34.14
C ASP A 17 -21.65 7.81 33.58
N ALA A 18 -22.68 8.54 34.02
CA ALA A 18 -24.00 8.33 33.47
C ALA A 18 -24.01 8.56 31.97
N ALA A 19 -23.34 9.64 31.52
CA ALA A 19 -23.27 9.93 30.08
C ALA A 19 -22.48 8.85 29.34
N GLU A 20 -21.37 8.41 29.90
CA GLU A 20 -20.58 7.37 29.23
C GLU A 20 -21.34 6.05 29.16
N LYS A 21 -22.04 5.69 30.25
CA LYS A 21 -22.86 4.48 30.23
C LYS A 21 -23.87 4.51 29.08
N LEU A 22 -24.46 5.68 28.81
CA LEU A 22 -25.34 5.81 27.65
C LEU A 22 -24.61 5.53 26.35
N ARG A 23 -23.31 5.84 26.27
CA ARG A 23 -22.58 5.61 25.04
C ARG A 23 -22.16 4.16 24.88
N LYS A 24 -21.71 3.52 25.98
CA LYS A 24 -21.31 2.12 25.88
C LYS A 24 -22.48 1.21 25.55
N ARG A 25 -23.69 1.61 25.92
CA ARG A 25 -24.90 0.86 25.58
C ARG A 25 -25.33 1.05 24.13
N GLY A 26 -24.71 1.97 23.40
CA GLY A 26 -25.08 2.22 22.01
C GLY A 26 -26.13 3.29 21.80
N LYS A 27 -26.62 3.92 22.87
CA LYS A 27 -27.58 5.01 22.75
C LYS A 27 -26.86 6.32 22.37
N ILE A 28 -26.26 6.30 21.17
CA ILE A 28 -25.35 7.37 20.78
C ILE A 28 -26.06 8.72 20.79
N GLU A 29 -27.30 8.76 20.32
CA GLU A 29 -28.03 10.03 20.25
C GLU A 29 -28.28 10.60 21.64
N GLU A 30 -28.62 9.74 22.61
CA GLU A 30 -28.82 10.21 23.96
C GLU A 30 -27.52 10.52 24.66
N ALA A 31 -26.43 9.83 24.30
CA ALA A 31 -25.13 10.14 24.87
C ALA A 31 -24.59 11.46 24.32
N VAL A 32 -24.93 11.79 23.07
CA VAL A 32 -24.50 13.07 22.50
C VAL A 32 -25.13 14.22 23.28
N ASN A 33 -26.44 14.15 23.54
CA ASN A 33 -27.10 15.21 24.29
C ASN A 33 -26.70 15.18 25.76
N ALA A 34 -26.32 14.02 26.27
CA ALA A 34 -25.83 13.94 27.64
C ALA A 34 -24.53 14.74 27.80
N PHE A 35 -23.55 14.45 26.93
CA PHE A 35 -22.28 15.15 27.01
C PHE A 35 -22.39 16.60 26.57
N LYS A 36 -23.32 16.91 25.66
CA LYS A 36 -23.54 18.29 25.26
C LYS A 36 -23.97 19.14 26.45
N GLU A 37 -24.89 18.63 27.26
CA GLU A 37 -25.28 19.34 28.48
C GLU A 37 -24.11 19.43 29.45
N LEU A 38 -23.28 18.39 29.52
CA LEU A 38 -22.08 18.45 30.35
C LEU A 38 -21.10 19.50 29.82
N VAL A 39 -20.94 19.57 28.49
CA VAL A 39 -20.04 20.57 27.93
C VAL A 39 -20.63 21.97 28.09
N ARG A 40 -21.94 22.12 27.97
CA ARG A 40 -22.54 23.42 28.19
C ARG A 40 -22.42 23.84 29.64
N LYS A 41 -22.72 22.93 30.57
CA LYS A 41 -22.71 23.27 31.98
C LYS A 41 -21.28 23.33 32.54
N TYR A 42 -20.36 22.54 31.99
CA TYR A 42 -18.96 22.55 32.40
C TYR A 42 -18.10 22.66 31.16
N PRO A 43 -17.98 23.88 30.59
CA PRO A 43 -17.23 24.04 29.33
C PRO A 43 -15.74 23.80 29.46
N GLN A 44 -15.22 23.58 30.67
CA GLN A 44 -13.80 23.35 30.87
C GLN A 44 -13.49 21.91 31.28
N SER A 45 -14.50 21.04 31.30
CA SER A 45 -14.28 19.66 31.69
C SER A 45 -13.60 18.89 30.55
N PRO A 46 -12.38 18.39 30.75
CA PRO A 46 -11.78 17.57 29.69
C PRO A 46 -12.53 16.26 29.47
N ARG A 47 -13.01 15.63 30.54
CA ARG A 47 -13.73 14.36 30.40
C ARG A 47 -15.03 14.55 29.63
N ALA A 48 -15.75 15.65 29.88
CA ALA A 48 -16.97 15.91 29.13
C ALA A 48 -16.66 16.17 27.66
N ARG A 49 -15.57 16.90 27.39
CA ARG A 49 -15.18 17.15 26.01
C ARG A 49 -14.73 15.87 25.33
N TYR A 50 -13.97 15.03 26.03
CA TYR A 50 -13.58 13.75 25.46
C TYR A 50 -14.81 12.89 25.18
N GLY A 51 -15.81 12.94 26.07
CA GLY A 51 -17.05 12.21 25.83
C GLY A 51 -17.78 12.70 24.60
N LYS A 52 -17.83 14.02 24.41
CA LYS A 52 -18.43 14.58 23.20
C LYS A 52 -17.70 14.07 21.96
N ALA A 53 -16.37 14.13 21.97
CA ALA A 53 -15.59 13.67 20.83
C ALA A 53 -15.77 12.18 20.58
N GLN A 54 -15.88 11.38 21.65
CA GLN A 54 -16.05 9.94 21.49
C GLN A 54 -17.43 9.61 20.92
N CYS A 55 -18.46 10.33 21.36
CA CYS A 55 -19.79 10.09 20.80
C CYS A 55 -19.83 10.45 19.32
N GLU A 56 -19.23 11.58 18.95
CA GLU A 56 -19.12 11.93 17.54
C GLU A 56 -18.39 10.84 16.76
N ASP A 57 -17.39 10.23 17.37
CA ASP A 57 -16.65 9.16 16.71
C ASP A 57 -17.55 7.97 16.40
N ASP A 58 -18.36 7.55 17.39
CA ASP A 58 -19.29 6.46 17.16
C ASP A 58 -20.41 6.87 16.22
N LEU A 59 -20.85 8.13 16.28
CA LEU A 59 -21.88 8.59 15.38
C LEU A 59 -21.39 8.61 13.94
N ALA A 60 -20.12 8.97 13.73
CA ALA A 60 -19.53 8.91 12.41
C ALA A 60 -19.44 7.47 11.92
N GLU A 61 -19.06 6.55 12.80
CA GLU A 61 -19.03 5.14 12.43
C GLU A 61 -20.42 4.63 12.07
N LYS A 62 -21.43 5.00 12.86
CA LYS A 62 -22.79 4.54 12.61
C LYS A 62 -23.35 5.08 11.29
N ARG A 63 -22.97 6.30 10.93
CA ARG A 63 -23.50 6.95 9.74
C ARG A 63 -22.53 6.91 8.56
N ARG A 64 -21.33 6.32 8.75
CA ARG A 64 -20.30 6.26 7.71
C ARG A 64 -20.08 7.63 7.09
N SER A 65 -19.96 8.64 7.95
CA SER A 65 -19.86 10.04 7.56
C SER A 65 -18.46 10.55 7.83
N ASN A 66 -17.77 10.98 6.77
CA ASN A 66 -16.48 11.62 6.95
C ASN A 66 -16.61 12.95 7.67
N GLU A 67 -17.67 13.72 7.38
CA GLU A 67 -17.83 15.03 7.97
C GLU A 67 -18.07 14.95 9.48
N VAL A 68 -18.91 14.00 9.91
CA VAL A 68 -19.13 13.82 11.34
C VAL A 68 -17.82 13.45 12.02
N LEU A 69 -17.04 12.55 11.41
CA LEU A 69 -15.73 12.21 11.97
C LEU A 69 -14.83 13.43 12.03
N ARG A 70 -14.94 14.32 11.04
CA ARG A 70 -14.12 15.53 11.06
C ARG A 70 -14.47 16.40 12.27
N GLY A 71 -15.74 16.43 12.66
CA GLY A 71 -16.12 17.12 13.87
C GLY A 71 -15.51 16.49 15.11
N ALA A 72 -15.46 15.16 15.15
CA ALA A 72 -14.81 14.47 16.25
C ALA A 72 -13.34 14.85 16.35
N ILE A 73 -12.66 14.95 15.21
CA ILE A 73 -11.24 15.27 15.20
C ILE A 73 -11.01 16.64 15.85
N GLU A 74 -11.84 17.62 15.50
CA GLU A 74 -11.69 18.94 16.10
C GLU A 74 -11.97 18.89 17.60
N THR A 75 -12.98 18.13 18.01
CA THR A 75 -13.32 18.04 19.43
C THR A 75 -12.20 17.33 20.20
N TYR A 76 -11.59 16.30 19.60
CA TYR A 76 -10.43 15.66 20.22
C TYR A 76 -9.33 16.67 20.48
N GLN A 77 -9.16 17.65 19.59
CA GLN A 77 -8.15 18.68 19.80
C GLN A 77 -8.56 19.63 20.92
N GLU A 78 -9.85 19.95 21.00
CA GLU A 78 -10.35 20.85 22.05
C GLU A 78 -10.03 20.32 23.43
N VAL A 79 -10.01 18.99 23.61
CA VAL A 79 -9.65 18.40 24.88
C VAL A 79 -8.27 18.88 25.32
N ALA A 80 -7.33 18.98 24.37
CA ALA A 80 -5.96 19.37 24.71
C ALA A 80 -5.82 20.85 24.98
N SER A 81 -6.76 21.67 24.51
CA SER A 81 -6.72 23.10 24.81
C SER A 81 -7.28 23.41 26.19
N LEU A 82 -8.10 22.52 26.74
CA LEU A 82 -8.67 22.75 28.05
C LEU A 82 -7.56 22.79 29.10
N PRO A 83 -7.81 23.45 30.22
CA PRO A 83 -6.82 23.50 31.30
C PRO A 83 -6.91 22.28 32.22
N ASP A 84 -5.80 22.01 32.89
CA ASP A 84 -5.71 20.96 33.91
C ASP A 84 -6.14 19.60 33.35
N VAL A 85 -5.66 19.29 32.15
CA VAL A 85 -5.99 18.03 31.48
C VAL A 85 -5.05 16.93 31.97
N PRO A 86 -5.58 15.82 32.49
CA PRO A 86 -4.71 14.71 32.91
C PRO A 86 -3.88 14.19 31.75
N ALA A 87 -2.69 13.68 32.08
CA ALA A 87 -1.77 13.24 31.02
C ALA A 87 -2.33 12.05 30.26
N ASP A 88 -2.93 11.09 30.98
CA ASP A 88 -3.52 9.93 30.31
C ASP A 88 -4.59 10.38 29.31
N LEU A 89 -5.49 11.25 29.74
CA LEU A 89 -6.54 11.74 28.85
C LEU A 89 -5.96 12.54 27.69
N LEU A 90 -4.92 13.33 27.97
CA LEU A 90 -4.29 14.13 26.92
C LEU A 90 -3.70 13.25 25.84
N LYS A 91 -3.13 12.10 26.22
CA LYS A 91 -2.55 11.20 25.23
C LYS A 91 -3.64 10.49 24.43
N LEU A 92 -4.62 9.91 25.11
CA LEU A 92 -5.68 9.18 24.42
C LEU A 92 -6.37 10.05 23.39
N SER A 93 -6.74 11.27 23.79
CA SER A 93 -7.48 12.16 22.91
C SER A 93 -6.67 12.52 21.67
N LEU A 94 -5.41 12.88 21.86
CA LEU A 94 -4.62 13.32 20.70
C LEU A 94 -4.20 12.13 19.83
N LYS A 95 -3.94 10.97 20.43
CA LYS A 95 -3.65 9.78 19.62
C LYS A 95 -4.84 9.40 18.75
N ARG A 96 -6.05 9.44 19.32
CA ARG A 96 -7.22 9.13 18.51
C ARG A 96 -7.40 10.14 17.38
N ARG A 97 -6.97 11.39 17.61
CA ARG A 97 -7.03 12.39 16.54
C ARG A 97 -6.18 11.99 15.35
N SER A 98 -4.91 11.66 15.59
CA SER A 98 -4.03 11.20 14.51
C SER A 98 -4.60 9.96 13.82
N ASP A 99 -5.16 9.03 14.60
CA ASP A 99 -5.70 7.80 14.03
C ASP A 99 -6.85 8.10 13.07
N ARG A 100 -7.77 8.97 13.49
CA ARG A 100 -8.89 9.32 12.64
C ARG A 100 -8.45 10.20 11.48
N GLN A 101 -7.41 11.02 11.68
CA GLN A 101 -6.91 11.86 10.60
C GLN A 101 -6.28 11.01 9.49
N GLN A 102 -5.57 9.95 9.86
CA GLN A 102 -5.05 9.02 8.86
C GLN A 102 -6.18 8.28 8.15
N PHE A 103 -7.20 7.85 8.91
CA PHE A 103 -8.30 7.12 8.30
C PHE A 103 -9.02 7.95 7.25
N LEU A 104 -9.02 9.28 7.41
CA LEU A 104 -9.62 10.15 6.41
C LEU A 104 -8.66 10.48 5.28
N GLY A 105 -7.36 10.19 5.44
CA GLY A 105 -6.37 10.56 4.45
C GLY A 105 -5.71 11.89 4.68
N HIS A 106 -5.91 12.50 5.86
CA HIS A 106 -5.26 13.77 6.19
C HIS A 106 -3.89 13.48 6.81
N MET A 107 -2.98 13.02 5.94
CA MET A 107 -1.66 12.62 6.41
C MET A 107 -0.88 13.81 6.95
N ARG A 108 -0.97 14.96 6.27
CA ARG A 108 -0.26 16.13 6.76
C ARG A 108 -0.82 16.62 8.09
N GLY A 109 -2.10 16.38 8.34
CA GLY A 109 -2.72 16.76 9.59
C GLY A 109 -2.34 15.84 10.72
N SER A 110 -2.37 14.52 10.45
CA SER A 110 -1.89 13.55 11.43
C SER A 110 -0.44 13.84 11.83
N LEU A 111 0.37 14.27 10.86
CA LEU A 111 1.77 14.58 11.15
C LEU A 111 1.88 15.62 12.26
N LEU A 112 1.13 16.72 12.14
CA LEU A 112 1.19 17.77 13.16
C LEU A 112 0.75 17.23 14.51
N THR A 113 -0.34 16.46 14.54
CA THR A 113 -0.81 15.87 15.80
C THR A 113 0.27 15.00 16.42
N LEU A 114 0.93 14.17 15.61
CA LEU A 114 1.98 13.30 16.12
C LEU A 114 3.16 14.10 16.66
N GLN A 115 3.48 15.22 16.01
CA GLN A 115 4.58 16.06 16.48
C GLN A 115 4.25 16.69 17.82
N ARG A 116 3.00 17.12 18.00
CA ARG A 116 2.58 17.68 19.28
C ARG A 116 2.65 16.63 20.38
N LEU A 117 2.35 15.37 20.05
CA LEU A 117 2.43 14.31 21.06
C LEU A 117 3.87 14.10 21.52
N VAL A 118 4.82 14.06 20.57
CA VAL A 118 6.22 13.86 20.92
C VAL A 118 6.73 15.03 21.76
N GLN A 119 6.28 16.24 21.46
CA GLN A 119 6.68 17.40 22.25
C GLN A 119 6.06 17.36 23.64
N LEU A 120 4.78 17.00 23.74
CA LEU A 120 4.11 16.93 25.03
C LEU A 120 4.58 15.74 25.87
N PHE A 121 5.13 14.70 25.24
CA PHE A 121 5.54 13.49 25.94
C PHE A 121 6.88 13.02 25.38
N PRO A 122 7.96 13.76 25.65
CA PRO A 122 9.25 13.44 25.01
C PRO A 122 9.90 12.17 25.52
N ASN A 123 9.32 11.48 26.50
CA ASN A 123 9.88 10.24 27.00
C ASN A 123 9.11 9.01 26.53
N ASP A 124 8.05 9.20 25.75
CA ASP A 124 7.29 8.09 25.19
C ASP A 124 7.95 7.68 23.87
N THR A 125 8.56 6.49 23.86
CA THR A 125 9.21 6.00 22.65
C THR A 125 8.19 5.61 21.59
N SER A 126 7.03 5.09 22.01
CA SER A 126 6.01 4.68 21.03
C SER A 126 5.47 5.87 20.26
N LEU A 127 5.37 7.05 20.89
CA LEU A 127 4.88 8.21 20.17
C LEU A 127 5.87 8.68 19.11
N LYS A 128 7.17 8.54 19.37
CA LYS A 128 8.14 8.79 18.30
C LYS A 128 8.00 7.75 17.20
N ASN A 129 7.77 6.48 17.56
CA ASN A 129 7.56 5.45 16.54
C ASN A 129 6.34 5.76 15.69
N ASP A 130 5.27 6.25 16.31
CA ASP A 130 4.08 6.61 15.54
C ASP A 130 4.34 7.79 14.62
N LEU A 131 5.21 8.71 15.03
CA LEU A 131 5.56 9.83 14.17
C LEU A 131 6.28 9.34 12.91
N GLY A 132 7.14 8.32 13.05
CA GLY A 132 7.77 7.75 11.87
C GLY A 132 6.78 7.12 10.91
N VAL A 133 5.71 6.52 11.44
CA VAL A 133 4.67 5.96 10.59
C VAL A 133 3.98 7.05 9.80
N GLY A 134 3.68 8.19 10.46
CA GLY A 134 3.07 9.29 9.75
C GLY A 134 3.89 9.76 8.56
N TYR A 135 5.22 9.79 8.72
CA TYR A 135 6.10 10.14 7.60
C TYR A 135 6.05 9.07 6.52
N LEU A 136 6.11 7.80 6.91
CA LEU A 136 6.08 6.72 5.92
C LEU A 136 4.79 6.76 5.10
N LEU A 137 3.69 7.24 5.69
CA LEU A 137 2.43 7.29 4.97
C LEU A 137 2.38 8.46 3.98
N ILE A 138 2.96 9.60 4.33
CA ILE A 138 2.93 10.76 3.44
C ILE A 138 3.95 10.66 2.31
N GLY A 139 4.98 9.84 2.47
CA GLY A 139 6.02 9.70 1.47
C GLY A 139 7.38 10.23 1.87
N ASP A 140 7.55 10.70 3.12
CA ASP A 140 8.78 11.34 3.58
C ASP A 140 9.64 10.30 4.31
N ASN A 141 10.37 9.50 3.52
CA ASN A 141 11.25 8.50 4.10
C ASN A 141 12.49 9.12 4.75
N ASP A 142 12.88 10.32 4.33
CA ASP A 142 14.05 10.96 4.92
C ASP A 142 13.79 11.38 6.37
N ASN A 143 12.64 12.02 6.61
CA ASN A 143 12.30 12.37 7.98
C ASN A 143 11.89 11.13 8.78
N ALA A 144 11.36 10.11 8.11
CA ALA A 144 11.03 8.87 8.81
C ALA A 144 12.29 8.17 9.30
N LYS A 145 13.36 8.21 8.51
CA LYS A 145 14.61 7.56 8.89
C LYS A 145 15.26 8.25 10.08
N LYS A 146 15.22 9.58 10.11
CA LYS A 146 15.79 10.31 11.25
C LYS A 146 15.04 9.98 12.53
N VAL A 147 13.71 9.85 12.46
CA VAL A 147 12.93 9.57 13.65
C VAL A 147 13.35 8.25 14.27
N TYR A 148 13.38 7.18 13.46
CA TYR A 148 13.75 5.87 14.01
C TYR A 148 15.22 5.82 14.39
N GLU A 149 16.07 6.65 13.78
CA GLU A 149 17.46 6.76 14.25
C GLU A 149 17.52 7.36 15.65
N GLU A 150 16.74 8.42 15.89
CA GLU A 150 16.68 9.01 17.22
C GLU A 150 16.12 8.01 18.22
N VAL A 151 15.13 7.21 17.80
CA VAL A 151 14.59 6.19 18.68
C VAL A 151 15.66 5.14 19.00
N LEU A 152 16.39 4.70 17.99
CA LEU A 152 17.41 3.68 18.20
C LEU A 152 18.59 4.21 19.02
N SER A 153 18.85 5.51 18.95
CA SER A 153 19.96 6.08 19.73
C SER A 153 19.71 5.99 21.22
N VAL A 154 18.44 6.02 21.64
CA VAL A 154 18.07 5.94 23.06
C VAL A 154 17.71 4.51 23.45
N THR A 155 16.84 3.86 22.68
CA THR A 155 16.40 2.48 22.93
C THR A 155 16.83 1.62 21.75
N PRO A 156 18.07 1.14 21.74
CA PRO A 156 18.59 0.47 20.55
C PRO A 156 17.91 -0.85 20.23
N ASN A 157 17.24 -1.47 21.19
CA ASN A 157 16.62 -2.77 20.96
C ASN A 157 15.10 -2.68 20.79
N ASP A 158 14.57 -1.48 20.63
CA ASP A 158 13.16 -1.33 20.30
C ASP A 158 12.87 -2.03 18.97
N GLY A 159 12.09 -3.12 19.02
CA GLY A 159 11.88 -3.91 17.82
C GLY A 159 11.07 -3.18 16.76
N PHE A 160 10.05 -2.42 17.18
CA PHE A 160 9.25 -1.66 16.22
C PHE A 160 10.14 -0.72 15.40
N ALA A 161 11.06 -0.04 16.07
CA ALA A 161 11.97 0.85 15.35
C ALA A 161 12.89 0.09 14.40
N LYS A 162 13.26 -1.14 14.74
CA LYS A 162 14.20 -1.88 13.92
C LYS A 162 13.58 -2.30 12.58
N VAL A 163 12.37 -2.87 12.62
CA VAL A 163 11.73 -3.32 11.37
C VAL A 163 11.45 -2.14 10.45
N HIS A 164 11.01 -1.02 11.01
CA HIS A 164 10.75 0.16 10.19
C HIS A 164 12.06 0.77 9.70
N TYR A 165 13.10 0.78 10.53
CA TYR A 165 14.40 1.20 10.04
C TYR A 165 14.90 0.28 8.93
N GLY A 166 14.72 -1.03 9.10
CA GLY A 166 15.09 -1.97 8.05
C GLY A 166 14.26 -1.78 6.79
N PHE A 167 12.96 -1.56 6.94
CA PHE A 167 12.12 -1.32 5.77
C PHE A 167 12.62 -0.11 4.99
N ILE A 168 12.96 0.97 5.70
CA ILE A 168 13.45 2.17 5.03
C ILE A 168 14.77 1.90 4.32
N LEU A 169 15.66 1.14 4.96
CA LEU A 169 16.95 0.82 4.35
C LEU A 169 16.75 0.04 3.05
N LYS A 170 15.91 -1.01 3.10
CA LYS A 170 15.67 -1.81 1.90
C LYS A 170 15.10 -0.95 0.78
N ALA A 171 14.11 -0.12 1.08
CA ALA A 171 13.51 0.73 0.07
C ALA A 171 14.54 1.66 -0.57
N GLN A 172 15.57 2.04 0.19
CA GLN A 172 16.69 2.82 -0.33
C GLN A 172 17.80 1.95 -0.92
N ASN A 173 17.51 0.67 -1.21
CA ASN A 173 18.45 -0.26 -1.83
C ASN A 173 19.67 -0.56 -0.97
N LYS A 174 19.62 -0.26 0.33
CA LYS A 174 20.69 -0.69 1.24
C LYS A 174 20.36 -2.09 1.73
N ILE A 175 20.57 -3.05 0.83
CA ILE A 175 20.08 -4.42 1.02
C ILE A 175 20.75 -5.07 2.23
N ALA A 176 22.08 -5.16 2.20
CA ALA A 176 22.79 -5.86 3.26
C ALA A 176 22.57 -5.20 4.61
N GLU A 177 22.48 -3.88 4.64
CA GLU A 177 22.30 -3.17 5.91
C GLU A 177 20.95 -3.50 6.54
N SER A 178 19.93 -3.71 5.71
CA SER A 178 18.56 -3.87 6.20
C SER A 178 18.28 -5.23 6.78
N ILE A 179 19.04 -6.26 6.41
CA ILE A 179 18.74 -7.61 6.88
C ILE A 179 18.81 -7.72 8.40
N PRO A 180 19.90 -7.34 9.08
CA PRO A 180 19.92 -7.50 10.54
C PRO A 180 18.85 -6.69 11.26
N TYR A 181 18.35 -5.61 10.67
CA TYR A 181 17.31 -4.84 11.31
C TYR A 181 15.94 -5.49 11.14
N LEU A 182 15.64 -5.96 9.93
CA LEU A 182 14.36 -6.64 9.71
C LEU A 182 14.30 -7.96 10.47
N LYS A 183 15.44 -8.65 10.58
CA LYS A 183 15.45 -9.94 11.26
C LYS A 183 15.30 -9.77 12.77
N GLU A 184 16.14 -8.93 13.37
CA GLU A 184 16.03 -8.70 14.81
C GLU A 184 14.71 -8.08 15.18
N GLY A 185 14.14 -7.27 14.30
CA GLY A 185 12.87 -6.64 14.60
C GLY A 185 11.72 -7.63 14.63
N ILE A 186 11.62 -8.47 13.59
CA ILE A 186 10.58 -9.49 13.56
C ILE A 186 10.74 -10.44 14.73
N GLU A 187 11.98 -10.86 15.00
CA GLU A 187 12.23 -11.82 16.07
C GLU A 187 11.97 -11.21 17.45
N SER A 188 11.98 -9.88 17.56
CA SER A 188 11.71 -9.25 18.85
C SER A 188 10.31 -9.57 19.36
N GLY A 189 9.37 -9.82 18.45
CA GLY A 189 7.99 -10.05 18.85
C GLY A 189 7.28 -8.83 19.38
N ASP A 190 7.89 -7.66 19.29
CA ASP A 190 7.27 -6.44 19.80
C ASP A 190 5.99 -6.14 19.02
N PRO A 191 5.03 -5.46 19.64
CA PRO A 191 3.82 -5.06 18.91
C PRO A 191 4.16 -4.25 17.67
N GLY A 192 3.59 -4.65 16.54
CA GLY A 192 3.80 -3.96 15.28
C GLY A 192 4.86 -4.58 14.39
N THR A 193 5.60 -5.58 14.88
CA THR A 193 6.62 -6.23 14.06
C THR A 193 6.08 -7.40 13.26
N ASP A 194 4.99 -8.03 13.69
CA ASP A 194 4.39 -9.16 12.97
C ASP A 194 3.53 -8.64 11.82
N ASP A 195 4.21 -8.21 10.77
CA ASP A 195 3.59 -7.53 9.64
C ASP A 195 4.15 -8.12 8.35
N GLY A 196 3.27 -8.46 7.40
CA GLY A 196 3.70 -9.11 6.18
C GLY A 196 4.72 -8.31 5.38
N ARG A 197 4.67 -6.98 5.49
CA ARG A 197 5.65 -6.13 4.81
C ARG A 197 7.09 -6.47 5.20
N PHE A 198 7.32 -6.72 6.49
CA PHE A 198 8.68 -6.98 6.95
C PHE A 198 9.15 -8.39 6.58
N TYR A 199 8.25 -9.37 6.65
CA TYR A 199 8.59 -10.70 6.13
C TYR A 199 8.89 -10.64 4.64
N PHE A 200 8.03 -9.93 3.89
CA PHE A 200 8.19 -9.85 2.44
C PHE A 200 9.57 -9.37 2.06
N HIS A 201 9.99 -8.23 2.63
CA HIS A 201 11.23 -7.61 2.20
C HIS A 201 12.46 -8.27 2.81
N LEU A 202 12.32 -8.89 4.00
CA LEU A 202 13.46 -9.61 4.57
C LEU A 202 13.85 -10.80 3.72
N GLY A 203 12.86 -11.57 3.25
CA GLY A 203 13.17 -12.67 2.36
C GLY A 203 13.67 -12.20 1.01
N ASP A 204 13.12 -11.09 0.51
CA ASP A 204 13.59 -10.54 -0.76
C ASP A 204 15.01 -10.01 -0.63
N ALA A 205 15.32 -9.29 0.46
CA ALA A 205 16.68 -8.85 0.71
C ALA A 205 17.65 -10.02 0.76
N MET A 206 17.25 -11.10 1.45
CA MET A 206 18.12 -12.27 1.51
C MET A 206 18.28 -12.91 0.14
N GLN A 207 17.20 -12.94 -0.66
CA GLN A 207 17.30 -13.47 -2.01
C GLN A 207 18.30 -12.68 -2.84
N ARG A 208 18.31 -11.35 -2.70
CA ARG A 208 19.18 -10.51 -3.49
C ARG A 208 20.66 -10.66 -3.12
N VAL A 209 20.95 -11.12 -1.90
CA VAL A 209 22.34 -11.33 -1.49
C VAL A 209 22.73 -12.80 -1.52
N GLY A 210 21.89 -13.67 -2.08
CA GLY A 210 22.23 -15.08 -2.17
C GLY A 210 22.19 -15.82 -0.85
N ASN A 211 21.37 -15.37 0.09
CA ASN A 211 21.21 -16.03 1.38
C ASN A 211 20.14 -17.11 1.24
N LYS A 212 20.56 -18.37 1.31
CA LYS A 212 19.64 -19.50 1.08
C LYS A 212 18.49 -19.56 2.08
N GLU A 213 18.66 -18.98 3.28
CA GLU A 213 17.62 -19.04 4.31
C GLU A 213 16.46 -18.10 4.05
N ALA A 214 16.40 -17.45 2.88
CA ALA A 214 15.32 -16.51 2.59
C ALA A 214 13.95 -17.16 2.69
N TYR A 215 13.82 -18.37 2.14
CA TYR A 215 12.51 -19.02 2.12
C TYR A 215 12.05 -19.44 3.52
N LYS A 216 12.98 -19.55 4.48
CA LYS A 216 12.56 -19.81 5.85
C LYS A 216 11.70 -18.66 6.37
N TRP A 217 11.97 -17.44 5.93
CA TRP A 217 11.13 -16.33 6.33
C TRP A 217 9.85 -16.26 5.50
N TYR A 218 9.91 -16.67 4.24
CA TYR A 218 8.68 -16.81 3.47
C TYR A 218 7.78 -17.89 4.06
N GLU A 219 8.36 -19.00 4.51
CA GLU A 219 7.57 -20.06 5.12
C GLU A 219 6.90 -19.58 6.40
N LEU A 220 7.63 -18.85 7.25
CA LEU A 220 7.06 -18.38 8.51
C LEU A 220 6.04 -17.27 8.27
N GLY A 221 6.22 -16.47 7.23
CA GLY A 221 5.20 -15.50 6.88
C GLY A 221 3.91 -16.15 6.42
N HIS A 222 4.02 -17.31 5.76
CA HIS A 222 2.83 -18.08 5.43
C HIS A 222 2.17 -18.64 6.69
N LYS A 223 2.96 -19.24 7.58
CA LYS A 223 2.41 -19.79 8.81
C LYS A 223 1.67 -18.72 9.61
N ARG A 224 2.24 -17.52 9.69
CA ARG A 224 1.62 -16.45 10.45
C ARG A 224 0.51 -15.73 9.69
N GLY A 225 0.17 -16.20 8.49
CA GLY A 225 -1.02 -15.74 7.79
C GLY A 225 -0.86 -14.52 6.94
N HIS A 226 0.37 -14.07 6.69
CA HIS A 226 0.60 -12.89 5.87
C HIS A 226 0.66 -13.21 4.37
N PHE A 227 0.95 -14.46 4.01
CA PHE A 227 1.06 -14.88 2.61
C PHE A 227 0.11 -16.03 2.34
N ALA A 228 -0.49 -16.02 1.15
CA ALA A 228 -1.33 -17.14 0.74
C ALA A 228 -0.51 -18.41 0.53
N SER A 229 0.72 -18.26 0.05
CA SER A 229 1.65 -19.38 -0.11
C SER A 229 3.06 -18.81 -0.12
N VAL A 230 4.03 -19.72 0.00
CA VAL A 230 5.43 -19.31 -0.01
C VAL A 230 5.80 -18.65 -1.34
N TRP A 231 5.09 -19.00 -2.42
CA TRP A 231 5.33 -18.43 -3.75
C TRP A 231 4.51 -17.18 -4.02
N GLN A 232 3.22 -17.18 -3.66
CA GLN A 232 2.34 -16.05 -3.92
C GLN A 232 2.31 -15.16 -2.68
N ARG A 233 3.04 -14.04 -2.73
CA ARG A 233 3.28 -13.22 -1.54
C ARG A 233 2.70 -11.81 -1.65
N SER A 234 1.70 -11.61 -2.51
CA SER A 234 1.04 -10.31 -2.55
C SER A 234 0.35 -10.04 -1.21
N LEU A 235 0.22 -8.75 -0.87
CA LEU A 235 -0.26 -8.34 0.43
C LEU A 235 -1.58 -7.59 0.40
N TYR A 236 -2.19 -7.42 -0.78
CA TYR A 236 -3.49 -6.74 -0.91
C TYR A 236 -4.39 -7.70 -1.66
N ASN A 237 -4.91 -8.70 -0.94
CA ASN A 237 -5.54 -9.85 -1.55
C ASN A 237 -7.03 -9.93 -1.25
N VAL A 238 -7.75 -10.60 -2.15
CA VAL A 238 -9.10 -11.10 -1.92
C VAL A 238 -8.99 -12.61 -1.81
N ASN A 239 -9.27 -13.13 -0.64
CA ASN A 239 -9.01 -14.54 -0.38
C ASN A 239 -9.95 -15.43 -1.18
N GLY A 240 -9.42 -16.55 -1.67
CA GLY A 240 -10.19 -17.54 -2.38
C GLY A 240 -9.95 -17.57 -3.87
N LEU A 241 -9.44 -16.48 -4.45
CA LEU A 241 -9.21 -16.44 -5.89
C LEU A 241 -8.27 -17.58 -6.31
N LYS A 242 -8.54 -18.15 -7.48
CA LYS A 242 -7.73 -19.25 -7.98
C LYS A 242 -6.27 -18.86 -8.04
N ALA A 243 -5.43 -19.57 -7.29
CA ALA A 243 -3.99 -19.33 -7.28
C ALA A 243 -3.32 -20.20 -8.35
N GLN A 244 -2.71 -19.54 -9.34
CA GLN A 244 -2.09 -20.29 -10.43
C GLN A 244 -1.04 -19.42 -11.12
N PRO A 245 0.19 -19.91 -11.29
CA PRO A 245 1.26 -19.08 -11.87
C PRO A 245 1.00 -18.71 -13.32
N TRP A 246 0.68 -19.69 -14.16
CA TRP A 246 0.43 -19.47 -15.58
C TRP A 246 -1.04 -19.75 -15.91
N TRP A 247 -1.56 -18.98 -16.87
CA TRP A 247 -2.96 -19.07 -17.27
C TRP A 247 -3.09 -19.15 -18.78
N THR A 248 -4.10 -19.86 -19.24
CA THR A 248 -4.43 -19.89 -20.66
C THR A 248 -5.54 -18.89 -20.96
N PRO A 249 -5.60 -18.39 -22.20
CA PRO A 249 -6.68 -17.46 -22.56
C PRO A 249 -8.07 -17.97 -22.20
N LYS A 250 -8.38 -19.24 -22.52
CA LYS A 250 -9.69 -19.79 -22.19
C LYS A 250 -9.90 -19.87 -20.68
N GLU A 251 -8.83 -20.13 -19.92
CA GLU A 251 -8.96 -20.19 -18.47
C GLU A 251 -9.40 -18.86 -17.89
N THR A 252 -8.93 -17.75 -18.47
CA THR A 252 -9.31 -16.43 -18.00
C THR A 252 -10.70 -15.99 -18.47
N GLY A 253 -11.20 -16.57 -19.57
CA GLY A 253 -12.43 -16.12 -20.17
C GLY A 253 -12.30 -14.89 -21.05
N TYR A 254 -11.16 -14.21 -21.04
CA TYR A 254 -10.98 -12.99 -21.82
C TYR A 254 -10.47 -13.31 -23.23
N THR A 255 -11.10 -14.30 -23.88
CA THR A 255 -10.60 -14.75 -25.17
C THR A 255 -10.84 -13.70 -26.26
N GLU A 256 -11.89 -12.89 -26.10
CA GLU A 256 -12.12 -11.83 -27.06
C GLU A 256 -11.01 -10.78 -27.00
N LEU A 257 -10.52 -10.51 -25.79
CA LEU A 257 -9.41 -9.57 -25.64
C LEU A 257 -8.13 -10.15 -26.22
N VAL A 258 -7.87 -11.43 -25.97
CA VAL A 258 -6.64 -12.06 -26.47
C VAL A 258 -6.64 -12.11 -28.00
N LYS A 259 -7.78 -12.44 -28.59
CA LYS A 259 -7.85 -12.47 -30.05
C LYS A 259 -7.57 -11.08 -30.63
N SER A 260 -8.16 -10.04 -30.03
CA SER A 260 -7.97 -8.70 -30.56
C SER A 260 -6.50 -8.27 -30.47
N LEU A 261 -5.82 -8.62 -29.38
CA LEU A 261 -4.40 -8.32 -29.27
C LEU A 261 -3.59 -9.07 -30.32
N GLU A 262 -3.89 -10.36 -30.52
CA GLU A 262 -3.12 -11.18 -31.44
C GLU A 262 -3.50 -10.94 -32.90
N ARG A 263 -4.71 -10.45 -33.17
CA ARG A 263 -5.03 -10.09 -34.55
C ARG A 263 -4.40 -8.76 -34.94
N ASN A 264 -4.40 -7.77 -34.05
CA ASN A 264 -3.95 -6.41 -34.37
C ASN A 264 -2.60 -6.08 -33.73
N TRP A 265 -1.77 -7.10 -33.47
CA TRP A 265 -0.57 -6.86 -32.70
C TRP A 265 0.41 -5.93 -33.42
N LYS A 266 0.39 -5.93 -34.76
CA LYS A 266 1.38 -5.16 -35.49
C LYS A 266 1.14 -3.66 -35.36
N LEU A 267 -0.13 -3.24 -35.31
CA LEU A 267 -0.41 -1.82 -35.10
C LEU A 267 0.06 -1.38 -33.71
N ILE A 268 -0.17 -2.23 -32.70
CA ILE A 268 0.31 -1.92 -31.36
C ILE A 268 1.82 -1.81 -31.36
N ARG A 269 2.50 -2.73 -32.05
CA ARG A 269 3.94 -2.65 -32.17
C ARG A 269 4.37 -1.35 -32.84
N ASP A 270 3.80 -1.05 -34.01
CA ASP A 270 4.22 0.11 -34.78
C ASP A 270 4.14 1.39 -33.96
N GLU A 271 3.04 1.59 -33.23
CA GLU A 271 2.93 2.79 -32.41
C GLU A 271 3.97 2.80 -31.29
N GLY A 272 4.34 1.63 -30.76
CA GLY A 272 5.42 1.58 -29.79
C GLY A 272 6.75 1.96 -30.41
N LEU A 273 7.11 1.31 -31.52
CA LEU A 273 8.33 1.67 -32.23
C LEU A 273 8.35 3.14 -32.59
N ALA A 274 7.20 3.68 -33.04
CA ALA A 274 7.14 5.10 -33.40
C ALA A 274 7.45 5.98 -32.20
N VAL A 275 6.97 5.59 -31.01
CA VAL A 275 7.33 6.34 -29.82
C VAL A 275 8.81 6.17 -29.49
N MET A 276 9.34 4.96 -29.71
CA MET A 276 10.77 4.75 -29.46
C MET A 276 11.61 5.65 -30.34
N ASP A 277 11.22 5.84 -31.60
CA ASP A 277 12.02 6.61 -32.53
C ASP A 277 11.82 8.11 -32.35
N LYS A 278 10.59 8.57 -32.16
CA LYS A 278 10.28 9.99 -32.25
C LYS A 278 9.66 10.56 -30.98
N ALA A 279 9.60 9.79 -29.89
CA ALA A 279 9.03 10.30 -28.65
C ALA A 279 9.60 9.52 -27.46
N LYS A 280 10.92 9.30 -27.46
CA LYS A 280 11.57 8.47 -26.46
C LYS A 280 11.18 8.85 -25.04
N GLY A 281 10.97 10.14 -24.79
CA GLY A 281 10.66 10.62 -23.45
C GLY A 281 9.42 10.02 -22.83
N LEU A 282 8.48 9.53 -23.64
CA LEU A 282 7.30 8.88 -23.08
C LEU A 282 7.67 7.60 -22.34
N PHE A 283 8.75 6.94 -22.75
CA PHE A 283 9.25 5.77 -22.04
C PHE A 283 10.02 6.21 -20.79
N LEU A 284 9.54 5.78 -19.62
CA LEU A 284 10.09 6.12 -18.31
C LEU A 284 10.78 4.93 -17.67
N PRO A 285 11.96 5.14 -17.10
CA PRO A 285 12.66 4.03 -16.45
C PRO A 285 11.86 3.43 -15.31
N GLU A 286 11.93 2.11 -15.18
CA GLU A 286 11.35 1.44 -14.01
C GLU A 286 11.96 2.00 -12.73
N ASP A 287 11.10 2.34 -11.77
CA ASP A 287 11.51 3.07 -10.58
C ASP A 287 10.98 2.41 -9.33
N GLU A 288 11.05 1.08 -9.26
CA GLU A 288 10.68 0.37 -8.04
C GLU A 288 11.79 -0.55 -7.57
N ASN A 289 13.03 -0.30 -8.00
CA ASN A 289 14.21 -1.03 -7.53
C ASN A 289 14.13 -2.52 -7.81
N LEU A 290 13.62 -2.87 -9.00
CA LEU A 290 13.41 -4.26 -9.37
C LEU A 290 14.52 -4.81 -10.27
N ARG A 291 15.54 -4.02 -10.58
CA ARG A 291 16.60 -4.41 -11.51
C ARG A 291 17.91 -4.63 -10.77
N GLU A 292 18.49 -5.82 -10.94
CA GLU A 292 19.89 -5.99 -10.56
C GLU A 292 20.80 -5.17 -11.47
N LYS A 293 20.52 -5.19 -12.77
CA LYS A 293 21.33 -4.51 -13.78
C LYS A 293 20.47 -4.33 -15.03
N GLY A 294 20.94 -3.44 -15.91
CA GLY A 294 20.35 -3.31 -17.23
C GLY A 294 19.42 -2.11 -17.36
N ASP A 295 18.78 -2.03 -18.53
CA ASP A 295 17.92 -0.91 -18.89
C ASP A 295 16.51 -1.39 -19.21
N TRP A 296 15.53 -0.70 -18.64
CA TRP A 296 14.14 -1.14 -18.67
C TRP A 296 13.25 0.08 -18.47
N SER A 297 12.36 0.34 -19.43
CA SER A 297 11.48 1.50 -19.38
C SER A 297 10.07 1.08 -19.74
N GLN A 298 9.10 1.90 -19.33
CA GLN A 298 7.70 1.60 -19.53
C GLN A 298 6.98 2.84 -20.03
N PHE A 299 6.09 2.64 -21.00
CA PHE A 299 5.25 3.68 -21.58
C PHE A 299 3.81 3.33 -21.24
N THR A 300 3.24 4.03 -20.26
CA THR A 300 1.99 3.63 -19.63
C THR A 300 0.82 4.39 -20.24
N LEU A 301 -0.18 3.64 -20.71
CA LEU A 301 -1.40 4.21 -21.26
C LEU A 301 -2.53 4.28 -20.24
N TRP A 302 -2.72 3.22 -19.42
CA TRP A 302 -3.74 3.17 -18.38
C TRP A 302 -3.08 2.83 -17.06
N GLN A 303 -3.44 3.56 -16.01
CA GLN A 303 -3.00 3.25 -14.66
C GLN A 303 -4.18 3.41 -13.72
N GLN A 304 -4.38 2.43 -12.83
CA GLN A 304 -5.48 2.46 -11.86
C GLN A 304 -6.82 2.68 -12.54
N GLY A 305 -7.03 1.99 -13.66
CA GLY A 305 -8.26 2.15 -14.42
C GLY A 305 -8.51 3.55 -14.92
N ARG A 306 -7.45 4.35 -15.09
CA ARG A 306 -7.54 5.70 -15.61
C ARG A 306 -6.65 5.82 -16.85
N ARG A 307 -7.19 6.45 -17.89
CA ARG A 307 -6.48 6.62 -19.15
C ARG A 307 -5.70 7.94 -19.13
N ASN A 308 -4.42 7.88 -19.50
N ASN A 308 -4.43 7.87 -19.51
CA ASN A 308 -3.61 9.08 -19.66
CA ASN A 308 -3.60 9.07 -19.67
C ASN A 308 -3.82 9.62 -21.07
C ASN A 308 -3.81 9.61 -21.08
N GLU A 309 -4.45 10.78 -21.18
CA GLU A 309 -4.81 11.31 -22.49
C GLU A 309 -3.57 11.68 -23.31
N ASN A 310 -2.57 12.29 -22.68
CA ASN A 310 -1.37 12.65 -23.44
C ASN A 310 -0.59 11.42 -23.88
N ALA A 311 -0.59 10.37 -23.08
CA ALA A 311 0.03 9.11 -23.49
C ALA A 311 -0.69 8.52 -24.70
N CYS A 312 -2.03 8.61 -24.72
CA CYS A 312 -2.78 8.05 -25.84
C CYS A 312 -2.63 8.85 -27.12
N LYS A 313 -2.21 10.12 -27.01
CA LYS A 313 -1.87 10.86 -28.23
C LYS A 313 -0.64 10.25 -28.92
N GLY A 314 0.18 9.48 -28.19
CA GLY A 314 1.30 8.78 -28.78
C GLY A 314 1.01 7.39 -29.29
N ALA A 315 -0.15 6.84 -28.93
CA ALA A 315 -0.59 5.55 -29.45
C ALA A 315 -2.11 5.57 -29.62
N PRO A 316 -2.61 6.44 -30.49
CA PRO A 316 -4.06 6.62 -30.56
C PRO A 316 -4.81 5.38 -31.04
N LYS A 317 -4.27 4.66 -32.02
CA LYS A 317 -4.97 3.47 -32.50
C LYS A 317 -5.01 2.40 -31.43
N THR A 318 -3.90 2.18 -30.73
CA THR A 318 -3.88 1.21 -29.64
C THR A 318 -4.89 1.58 -28.56
N CYS A 319 -4.94 2.86 -28.17
CA CYS A 319 -5.89 3.26 -27.15
C CYS A 319 -7.33 3.10 -27.62
N THR A 320 -7.57 3.35 -28.92
CA THR A 320 -8.89 3.11 -29.48
C THR A 320 -9.25 1.64 -29.43
N LEU A 321 -8.30 0.76 -29.76
CA LEU A 321 -8.57 -0.67 -29.72
C LEU A 321 -8.88 -1.13 -28.30
N LEU A 322 -8.09 -0.68 -27.32
CA LEU A 322 -8.23 -1.18 -25.96
C LEU A 322 -9.52 -0.69 -25.29
N GLU A 323 -10.03 0.48 -25.70
CA GLU A 323 -11.22 1.04 -25.06
C GLU A 323 -12.43 0.12 -25.15
N LYS A 324 -12.39 -0.86 -26.04
CA LYS A 324 -13.48 -1.81 -26.18
C LYS A 324 -13.45 -2.91 -25.13
N PHE A 325 -12.51 -2.86 -24.19
CA PHE A 325 -12.30 -3.95 -23.22
C PHE A 325 -12.22 -3.38 -21.81
N PRO A 326 -13.36 -3.15 -21.18
CA PRO A 326 -13.34 -2.61 -19.80
C PRO A 326 -12.72 -3.56 -18.79
N GLU A 327 -12.61 -4.85 -19.09
CA GLU A 327 -11.96 -5.76 -18.16
C GLU A 327 -10.48 -5.43 -18.00
N THR A 328 -9.89 -4.65 -18.90
CA THR A 328 -8.54 -4.14 -18.69
C THR A 328 -8.47 -2.63 -18.49
N THR A 329 -9.23 -1.84 -19.24
CA THR A 329 -9.23 -0.40 -18.99
C THR A 329 -9.83 -0.05 -17.63
N GLY A 330 -10.63 -0.94 -17.05
CA GLY A 330 -11.23 -0.71 -15.76
C GLY A 330 -10.55 -1.40 -14.60
N CYS A 331 -9.52 -2.19 -14.87
CA CYS A 331 -8.75 -2.81 -13.80
C CYS A 331 -8.00 -1.73 -13.04
N ARG A 332 -8.57 -1.30 -11.91
CA ARG A 332 -7.94 -0.27 -11.10
C ARG A 332 -6.82 -0.81 -10.22
N ARG A 333 -6.51 -2.10 -10.35
CA ARG A 333 -5.33 -2.69 -9.71
C ARG A 333 -4.37 -3.24 -10.77
N GLY A 334 -4.31 -2.57 -11.92
CA GLY A 334 -3.43 -2.98 -12.98
C GLY A 334 -3.13 -1.82 -13.90
N GLN A 335 -2.35 -2.10 -14.95
CA GLN A 335 -1.93 -1.07 -15.89
C GLN A 335 -2.04 -1.61 -17.31
N ILE A 336 -1.89 -0.69 -18.27
CA ILE A 336 -1.73 -1.00 -19.68
C ILE A 336 -0.54 -0.20 -20.18
N LYS A 337 0.53 -0.89 -20.59
CA LYS A 337 1.78 -0.19 -20.84
C LYS A 337 2.69 -0.98 -21.76
N TYR A 338 3.38 -0.27 -22.65
CA TYR A 338 4.54 -0.84 -23.34
C TYR A 338 5.67 -1.02 -22.35
N SER A 339 6.44 -2.09 -22.54
CA SER A 339 7.58 -2.39 -21.67
C SER A 339 8.74 -2.79 -22.56
N ILE A 340 9.79 -1.97 -22.60
CA ILE A 340 10.98 -2.23 -23.39
C ILE A 340 12.12 -2.60 -22.46
N MET A 341 12.92 -3.58 -22.88
CA MET A 341 14.00 -4.12 -22.06
C MET A 341 15.16 -4.46 -22.99
N HIS A 342 16.35 -3.98 -22.63
CA HIS A 342 17.53 -4.07 -23.46
C HIS A 342 18.50 -5.12 -22.92
N PRO A 343 19.43 -5.60 -23.74
CA PRO A 343 20.33 -6.67 -23.26
C PRO A 343 21.16 -6.23 -22.07
N GLY A 344 21.53 -7.19 -21.23
CA GLY A 344 22.22 -6.90 -20.00
C GLY A 344 21.30 -6.61 -18.84
N THR A 345 20.02 -6.95 -18.94
CA THR A 345 19.03 -6.64 -17.92
C THR A 345 18.59 -7.93 -17.22
N HIS A 346 18.58 -7.89 -15.90
CA HIS A 346 18.08 -8.97 -15.06
C HIS A 346 17.14 -8.36 -14.04
N VAL A 347 15.85 -8.68 -14.15
CA VAL A 347 14.87 -8.24 -13.17
C VAL A 347 14.89 -9.21 -12.00
N TRP A 348 15.08 -8.67 -10.79
CA TRP A 348 15.10 -9.46 -9.56
C TRP A 348 13.84 -10.31 -9.45
N PRO A 349 13.92 -11.48 -8.82
CA PRO A 349 12.68 -12.14 -8.38
C PRO A 349 11.86 -11.17 -7.53
N HIS A 350 10.58 -11.05 -7.86
CA HIS A 350 9.69 -10.14 -7.13
C HIS A 350 8.27 -10.62 -7.33
N THR A 351 7.35 -10.03 -6.55
CA THR A 351 5.92 -10.24 -6.73
C THR A 351 5.20 -8.90 -6.66
N GLY A 352 4.08 -8.80 -7.37
CA GLY A 352 3.26 -7.61 -7.36
C GLY A 352 2.48 -7.47 -6.08
N PRO A 353 1.73 -6.38 -5.98
CA PRO A 353 1.05 -6.05 -4.71
C PRO A 353 -0.24 -6.81 -4.46
N THR A 354 -0.93 -7.27 -5.51
CA THR A 354 -2.28 -7.80 -5.33
C THR A 354 -2.49 -9.04 -6.19
N ASN A 355 -3.36 -9.93 -5.68
CA ASN A 355 -3.78 -11.11 -6.43
C ASN A 355 -5.06 -10.86 -7.22
N CYS A 356 -5.55 -9.63 -7.24
CA CYS A 356 -6.81 -9.30 -7.90
C CYS A 356 -6.67 -9.07 -9.39
N ARG A 357 -5.45 -9.03 -9.91
CA ARG A 357 -5.23 -8.85 -11.34
C ARG A 357 -4.48 -10.05 -11.91
N LEU A 358 -4.70 -10.28 -13.20
CA LEU A 358 -3.86 -11.15 -14.01
C LEU A 358 -3.14 -10.30 -15.06
N ARG A 359 -1.94 -10.73 -15.44
CA ARG A 359 -1.06 -9.93 -16.27
C ARG A 359 -0.85 -10.61 -17.62
N MET A 360 -1.23 -9.91 -18.69
CA MET A 360 -1.01 -10.38 -20.06
C MET A 360 0.23 -9.72 -20.66
N HIS A 361 0.98 -10.51 -21.43
CA HIS A 361 2.12 -10.03 -22.20
C HIS A 361 1.88 -10.33 -23.66
N LEU A 362 1.90 -9.30 -24.51
CA LEU A 362 1.81 -9.47 -25.96
C LEU A 362 3.19 -9.18 -26.56
N GLY A 363 3.73 -10.16 -27.29
CA GLY A 363 5.03 -9.99 -27.89
C GLY A 363 4.97 -9.03 -29.06
N LEU A 364 5.76 -7.95 -29.01
CA LEU A 364 5.83 -6.99 -30.10
C LEU A 364 7.13 -7.12 -30.90
N VAL A 365 8.29 -7.03 -30.23
CA VAL A 365 9.58 -7.26 -30.86
C VAL A 365 10.36 -8.19 -29.93
N ILE A 366 10.47 -9.46 -30.30
CA ILE A 366 11.12 -10.47 -29.46
C ILE A 366 12.32 -11.03 -30.21
N PRO A 367 13.55 -10.75 -29.76
CA PRO A 367 14.71 -11.39 -30.37
C PRO A 367 14.64 -12.91 -30.23
N LYS A 368 15.36 -13.60 -31.10
CA LYS A 368 15.21 -15.06 -31.19
C LYS A 368 15.84 -15.78 -30.01
N GLU A 369 16.84 -15.18 -29.36
CA GLU A 369 17.48 -15.81 -28.21
C GLU A 369 17.73 -14.77 -27.12
N GLY A 370 17.76 -15.24 -25.87
CA GLY A 370 18.22 -14.44 -24.76
C GLY A 370 17.15 -13.88 -23.85
N CYS A 371 15.88 -13.98 -24.22
CA CYS A 371 14.78 -13.44 -23.44
C CYS A 371 13.93 -14.57 -22.87
N LYS A 372 13.63 -14.51 -21.58
CA LYS A 372 12.79 -15.52 -20.94
C LYS A 372 12.30 -14.97 -19.61
N ILE A 373 11.11 -15.43 -19.21
CA ILE A 373 10.48 -15.01 -17.96
C ILE A 373 10.11 -16.26 -17.18
N ARG A 374 10.43 -16.26 -15.88
CA ARG A 374 10.07 -17.33 -14.97
C ARG A 374 8.96 -16.83 -14.04
N CYS A 375 7.92 -17.66 -13.87
CA CYS A 375 6.91 -17.43 -12.86
C CYS A 375 6.80 -18.70 -12.03
N ALA A 376 6.96 -18.57 -10.71
CA ALA A 376 7.05 -19.70 -9.78
C ALA A 376 8.15 -20.62 -10.26
N ASN A 377 7.89 -21.91 -10.50
CA ASN A 377 8.92 -22.86 -10.88
C ASN A 377 8.88 -23.21 -12.37
N GLU A 378 8.22 -22.38 -13.19
CA GLU A 378 8.08 -22.64 -14.62
C GLU A 378 8.56 -21.42 -15.40
N THR A 379 9.40 -21.66 -16.40
CA THR A 379 9.97 -20.60 -17.22
C THR A 379 9.49 -20.73 -18.66
N LYS A 380 9.19 -19.59 -19.28
CA LYS A 380 8.64 -19.57 -20.62
C LYS A 380 9.36 -18.50 -21.45
N THR A 381 8.98 -18.41 -22.71
CA THR A 381 9.54 -17.45 -23.64
C THR A 381 8.39 -16.73 -24.34
N TRP A 382 8.64 -15.48 -24.75
CA TRP A 382 7.66 -14.72 -25.50
C TRP A 382 7.68 -15.11 -26.98
N GLU A 383 6.70 -14.61 -27.71
CA GLU A 383 6.61 -14.80 -29.16
C GLU A 383 5.89 -13.61 -29.75
N GLU A 384 6.36 -13.15 -30.91
CA GLU A 384 5.78 -11.97 -31.54
C GLU A 384 4.36 -12.27 -32.01
N GLY A 385 3.40 -11.50 -31.51
CA GLY A 385 2.02 -11.68 -31.86
C GLY A 385 1.25 -12.69 -31.02
N LYS A 386 1.84 -13.19 -29.93
CA LYS A 386 1.16 -14.12 -29.04
C LYS A 386 1.09 -13.52 -27.64
N VAL A 387 0.11 -14.00 -26.88
CA VAL A 387 -0.18 -13.47 -25.54
C VAL A 387 0.12 -14.54 -24.50
N LEU A 388 1.07 -14.27 -23.62
CA LEU A 388 1.24 -15.03 -22.39
C LEU A 388 0.48 -14.38 -21.26
N ILE A 389 0.05 -15.18 -20.29
CA ILE A 389 -0.78 -14.72 -19.18
C ILE A 389 -0.27 -15.37 -17.90
N PHE A 390 0.10 -14.57 -16.90
CA PHE A 390 0.59 -15.09 -15.64
C PHE A 390 0.07 -14.24 -14.50
N ASP A 391 0.08 -14.83 -13.31
CA ASP A 391 -0.32 -14.16 -12.08
C ASP A 391 0.95 -13.61 -11.42
N ASP A 392 1.19 -12.31 -11.60
CA ASP A 392 2.39 -11.68 -11.04
C ASP A 392 2.35 -11.56 -9.53
N SER A 393 1.24 -11.94 -8.86
CA SER A 393 1.29 -12.08 -7.41
C SER A 393 2.14 -13.25 -6.99
N PHE A 394 2.45 -14.16 -7.91
CA PHE A 394 3.49 -15.16 -7.67
C PHE A 394 4.86 -14.55 -7.94
N GLU A 395 5.89 -15.20 -7.42
CA GLU A 395 7.25 -14.74 -7.66
C GLU A 395 7.62 -14.95 -9.12
N HIS A 396 8.09 -13.88 -9.77
CA HIS A 396 8.48 -13.96 -11.17
C HIS A 396 9.80 -13.21 -11.39
N GLU A 397 10.45 -13.55 -12.50
CA GLU A 397 11.81 -13.10 -12.78
C GLU A 397 12.00 -13.06 -14.30
N VAL A 398 12.83 -12.12 -14.77
CA VAL A 398 13.05 -11.91 -16.20
C VAL A 398 14.52 -11.66 -16.46
N TRP A 399 15.03 -12.25 -17.54
CA TRP A 399 16.37 -11.99 -18.04
C TRP A 399 16.29 -11.49 -19.47
N GLN A 400 17.22 -10.60 -19.84
CA GLN A 400 17.33 -10.09 -21.21
C GLN A 400 18.80 -10.18 -21.62
N ASP A 401 19.13 -11.24 -22.36
CA ASP A 401 20.50 -11.48 -22.83
C ASP A 401 20.54 -11.58 -24.35
N ALA A 402 19.63 -10.88 -25.03
CA ALA A 402 19.60 -10.86 -26.49
C ALA A 402 20.72 -9.96 -27.01
N SER A 403 20.72 -9.70 -28.31
CA SER A 403 21.63 -8.75 -28.91
C SER A 403 20.91 -7.51 -29.44
N SER A 404 19.61 -7.40 -29.19
CA SER A 404 18.84 -6.20 -29.53
C SER A 404 17.70 -6.07 -28.52
N PHE A 405 16.90 -5.02 -28.69
CA PHE A 405 15.87 -4.71 -27.70
C PHE A 405 14.69 -5.67 -27.81
N ARG A 406 13.98 -5.81 -26.70
CA ARG A 406 12.79 -6.66 -26.61
C ARG A 406 11.63 -5.81 -26.13
N LEU A 407 10.61 -5.69 -26.97
CA LEU A 407 9.44 -4.85 -26.71
C LEU A 407 8.21 -5.74 -26.57
N ILE A 408 7.47 -5.57 -25.48
CA ILE A 408 6.20 -6.25 -25.29
C ILE A 408 5.14 -5.24 -24.89
N PHE A 409 3.90 -5.71 -24.86
CA PHE A 409 2.76 -4.93 -24.41
C PHE A 409 2.15 -5.63 -23.21
N ILE A 410 2.08 -4.93 -22.09
CA ILE A 410 1.59 -5.48 -20.82
C ILE A 410 0.15 -5.01 -20.64
N VAL A 411 -0.76 -5.96 -20.40
CA VAL A 411 -2.19 -5.70 -20.28
C VAL A 411 -2.70 -6.43 -19.05
N ASP A 412 -3.05 -5.67 -18.01
CA ASP A 412 -3.61 -6.22 -16.78
C ASP A 412 -5.13 -6.32 -16.88
N VAL A 413 -5.68 -7.42 -16.37
CA VAL A 413 -7.13 -7.62 -16.29
C VAL A 413 -7.49 -8.04 -14.87
N TRP A 414 -8.70 -7.66 -14.45
CA TRP A 414 -9.27 -8.19 -13.21
C TRP A 414 -9.20 -9.70 -13.18
N HIS A 415 -8.90 -10.26 -12.02
CA HIS A 415 -9.03 -11.71 -11.84
C HIS A 415 -10.43 -12.13 -12.28
N PRO A 416 -10.56 -13.20 -13.08
CA PRO A 416 -11.87 -13.53 -13.65
C PRO A 416 -12.93 -13.85 -12.61
N GLU A 417 -12.54 -14.39 -11.45
CA GLU A 417 -13.49 -14.77 -10.42
C GLU A 417 -13.96 -13.59 -9.57
N LEU A 418 -13.39 -12.39 -9.78
CA LEU A 418 -13.87 -11.22 -9.06
C LEU A 418 -15.21 -10.77 -9.61
N THR A 419 -16.19 -10.58 -8.72
CA THR A 419 -17.52 -10.14 -9.14
C THR A 419 -17.48 -8.68 -9.59
N PRO A 420 -18.43 -8.28 -10.44
CA PRO A 420 -18.53 -6.84 -10.79
C PRO A 420 -18.66 -5.95 -9.56
N GLN A 421 -19.37 -6.39 -8.52
CA GLN A 421 -19.48 -5.60 -7.31
C GLN A 421 -18.11 -5.39 -6.68
N GLN A 422 -17.27 -6.43 -6.67
CA GLN A 422 -15.93 -6.28 -6.10
C GLN A 422 -15.06 -5.40 -6.97
N ARG A 423 -15.20 -5.50 -8.29
CA ARG A 423 -14.39 -4.70 -9.21
C ARG A 423 -14.69 -3.21 -9.06
N ARG A 424 -15.89 -2.87 -8.61
CA ARG A 424 -16.23 -1.47 -8.38
C ARG A 424 -15.80 -0.98 -7.01
N SER A 425 -15.75 -1.87 -6.01
CA SER A 425 -15.56 -1.48 -4.63
C SER A 425 -14.11 -1.57 -4.15
N LEU A 426 -13.31 -2.46 -4.72
CA LEU A 426 -11.94 -2.63 -4.26
C LEU A 426 -11.17 -1.32 -4.39
N PRO A 427 -10.39 -0.94 -3.39
CA PRO A 427 -9.56 0.26 -3.52
C PRO A 427 -8.50 0.08 -4.57
N ALA A 428 -8.18 1.18 -5.25
CA ALA A 428 -7.21 1.13 -6.34
C ALA A 428 -5.81 0.86 -5.80
N ILE A 429 -4.99 0.22 -6.63
CA ILE A 429 -3.58 0.02 -6.34
C ILE A 429 -2.80 0.42 -7.58
N GLY B 14 4.28 7.95 -4.18
CA GLY B 14 4.64 6.78 -4.94
C GLY B 14 3.53 5.75 -4.97
N LYS B 15 3.54 4.89 -5.98
CA LYS B 15 2.51 3.87 -6.14
C LYS B 15 3.16 2.52 -6.41
N CYS B 16 2.48 1.46 -5.95
CA CYS B 16 2.92 0.08 -6.15
C CYS B 16 2.34 -0.41 -7.47
N LYS B 17 3.06 -0.16 -8.55
CA LYS B 17 2.65 -0.61 -9.88
C LYS B 17 3.11 -2.04 -10.16
N ASP B 18 4.42 -2.28 -10.05
CA ASP B 18 4.99 -3.60 -10.31
C ASP B 18 5.41 -4.36 -9.07
N GLY B 19 5.64 -3.68 -7.95
CA GLY B 19 6.12 -4.34 -6.75
C GLY B 19 5.39 -3.94 -5.49
N LEU B 20 6.00 -4.20 -4.34
CA LEU B 20 5.45 -3.92 -3.02
C LEU B 20 6.41 -3.07 -2.20
N GLY B 21 6.97 -2.04 -2.83
CA GLY B 21 8.06 -1.29 -2.24
C GLY B 21 7.67 -0.16 -1.30
N GLU B 22 6.42 0.31 -1.39
CA GLU B 22 5.93 1.36 -0.52
C GLU B 22 5.40 0.79 0.78
N TYR B 23 5.41 1.64 1.82
CA TYR B 23 4.81 1.25 3.09
C TYR B 23 3.32 0.95 2.92
N THR B 24 2.62 1.76 2.13
CA THR B 24 1.22 1.54 1.83
C THR B 24 0.99 1.68 0.34
N CYS B 25 0.16 0.80 -0.22
CA CYS B 25 -0.12 0.80 -1.65
C CYS B 25 -1.48 1.38 -2.01
N THR B 26 -2.30 1.69 -1.03
CA THR B 26 -3.61 2.31 -1.26
C THR B 26 -3.60 3.73 -0.73
N SER B 27 -4.58 4.51 -1.16
CA SER B 27 -4.77 5.88 -0.71
C SER B 27 -6.03 5.95 0.11
N LEU B 28 -5.90 6.38 1.37
CA LEU B 28 -7.05 6.43 2.27
C LEU B 28 -7.98 7.57 1.87
N GLU B 29 -9.26 7.24 1.70
CA GLU B 29 -10.28 8.23 1.35
C GLU B 29 -11.44 8.24 2.34
N GLY B 30 -11.24 7.72 3.54
CA GLY B 30 -12.24 7.80 4.57
C GLY B 30 -13.22 6.63 4.59
N PHE B 31 -14.50 6.94 4.77
CA PHE B 31 -15.52 5.91 4.82
C PHE B 31 -15.92 5.46 3.42
N GLU B 32 -16.40 4.22 3.33
CA GLU B 32 -16.93 3.69 2.10
C GLU B 32 -18.45 3.59 2.17
NA NA C . -16.46 24.43 33.52
K K D . 13.53 3.55 -25.33
FE FE E . 6.73 -7.94 -12.33
C1 AKG F . 6.04 -8.14 -15.12
O1 AKG F . 5.48 -8.18 -14.00
O2 AKG F . 5.51 -8.02 -16.23
C2 AKG F . 7.60 -8.26 -15.08
O5 AKG F . 8.16 -8.32 -14.01
C3 AKG F . 8.36 -8.33 -16.38
C4 AKG F . 8.33 -7.06 -17.23
C5 AKG F . 8.83 -7.30 -18.67
O3 AKG F . 9.27 -8.43 -18.95
O4 AKG F . 8.75 -6.32 -19.45
N NO G . 7.00 -6.01 -12.86
O NO G . 6.63 -5.46 -14.15
#